data_5KC1
#
_entry.id   5KC1
#
_cell.length_a   81.383
_cell.length_b   249.385
_cell.length_c   50.197
_cell.angle_alpha   90.00
_cell.angle_beta   90.00
_cell.angle_gamma   90.00
#
_symmetry.space_group_name_H-M   'P 21 21 2'
#
loop_
_entity.id
_entity.type
_entity.pdbx_description
1 polymer 'Autophagy-related protein 38'
2 non-polymer 'SODIUM ION'
3 non-polymer 'NITRATE ION'
4 non-polymer 1,2-ETHANEDIOL
5 non-polymer 'CHLORIDE ION'
6 non-polymer 'AMMONIUM ION'
7 non-polymer 'SULFATE ION'
8 non-polymer 'IODIDE ION'
9 water water
#
_entity_poly.entity_id   1
_entity_poly.type   'polypeptide(L)'
_entity_poly.pdbx_seq_one_letter_code
;MSTLAEVYTIIEDAEQECRKGDFTNAKAKYQEAIEVLGPQNENLSQNKLSSDVTQAIDLLKQDITAKIQELELLIEKQSS
EENNIGMVNNNMLIGSVILNNKSPINGISNARNWDNPAYQDTLSPINDPLLMSILNRLQFNLNNDIQLKTEGGKNSKNSE
MKINLRLEQFKKELVLYEQKKFKEYGMKIDEITKENKKLANEIGRLRERWDSLVESAKQRRDKQKN
;
_entity_poly.pdbx_strand_id   C,D,A,B,G,H,K,L,E,F,I,J
#
loop_
_chem_comp.id
_chem_comp.type
_chem_comp.name
_chem_comp.formula
CL non-polymer 'CHLORIDE ION' 'Cl -1'
EDO non-polymer 1,2-ETHANEDIOL 'C2 H6 O2'
IOD non-polymer 'IODIDE ION' 'I -1'
NA non-polymer 'SODIUM ION' 'Na 1'
NH4 non-polymer 'AMMONIUM ION' 'H4 N 1'
NO3 non-polymer 'NITRATE ION' 'N O3 -1'
SO4 non-polymer 'SULFATE ION' 'O4 S -2'
#
# COMPACT_ATOMS: atom_id res chain seq x y z
N TYR A 119 13.61 -27.61 -16.23
CA TYR A 119 14.81 -28.00 -16.96
C TYR A 119 14.81 -27.43 -18.37
N GLN A 120 13.72 -26.79 -18.74
CA GLN A 120 13.52 -26.31 -20.10
C GLN A 120 14.39 -25.10 -20.43
N ASP A 121 15.10 -24.56 -19.44
CA ASP A 121 15.92 -23.38 -19.66
C ASP A 121 17.15 -23.35 -18.78
N THR A 122 18.29 -23.00 -19.37
CA THR A 122 19.57 -22.99 -18.67
C THR A 122 19.74 -21.73 -17.81
N LEU A 123 18.79 -20.80 -17.93
CA LEU A 123 18.82 -19.58 -17.13
C LEU A 123 18.11 -19.78 -15.80
N SER A 124 17.20 -20.75 -15.75
CA SER A 124 16.36 -21.00 -14.59
C SER A 124 17.14 -21.10 -13.29
N PRO A 125 16.63 -20.44 -12.24
CA PRO A 125 17.21 -20.38 -10.89
C PRO A 125 17.58 -21.75 -10.31
N ILE A 126 16.75 -22.77 -10.53
CA ILE A 126 17.06 -24.12 -10.05
C ILE A 126 18.40 -24.65 -10.57
N ASN A 127 18.80 -24.19 -11.75
CA ASN A 127 20.05 -24.64 -12.35
C ASN A 127 21.13 -23.59 -12.25
N ASP A 128 20.86 -22.56 -11.44
CA ASP A 128 21.77 -21.44 -11.32
C ASP A 128 22.73 -21.61 -10.15
N PRO A 129 24.02 -21.81 -10.45
CA PRO A 129 25.02 -21.95 -9.41
C PRO A 129 25.30 -20.67 -8.62
N LEU A 130 24.95 -19.51 -9.18
CA LEU A 130 25.09 -18.28 -8.40
C LEU A 130 24.10 -18.30 -7.23
N LEU A 131 22.84 -18.64 -7.51
CA LEU A 131 21.84 -18.78 -6.45
C LEU A 131 22.25 -19.77 -5.36
N MET A 132 22.77 -20.94 -5.76
CA MET A 132 23.21 -21.94 -4.79
C MET A 132 24.37 -21.44 -3.93
N SER A 133 25.29 -20.72 -4.57
CA SER A 133 26.41 -20.13 -3.85
C SER A 133 25.91 -19.16 -2.78
N ILE A 134 24.96 -18.30 -3.13
CA ILE A 134 24.47 -17.30 -2.19
C ILE A 134 23.79 -17.96 -0.98
N LEU A 135 22.98 -18.99 -1.22
CA LEU A 135 22.32 -19.72 -0.15
C LEU A 135 23.32 -20.48 0.72
N ASN A 136 24.23 -21.18 0.06
CA ASN A 136 25.34 -21.88 0.72
C ASN A 136 26.17 -20.96 1.61
N ARG A 137 26.42 -19.74 1.14
CA ARG A 137 27.19 -18.77 1.92
C ARG A 137 26.40 -18.29 3.15
N LEU A 138 25.11 -18.04 2.97
CA LEU A 138 24.26 -17.67 4.12
C LEU A 138 24.35 -18.74 5.19
N GLN A 139 24.20 -19.99 4.74
CA GLN A 139 24.25 -21.12 5.67
C GLN A 139 25.60 -21.28 6.35
N PHE A 140 26.66 -21.12 5.58
CA PHE A 140 28.01 -21.23 6.10
C PHE A 140 28.25 -20.16 7.16
N ASN A 141 27.86 -18.93 6.85
CA ASN A 141 27.94 -17.82 7.80
C ASN A 141 27.12 -18.02 9.08
N LEU A 142 25.86 -18.41 8.90
CA LEU A 142 24.96 -18.69 10.04
C LEU A 142 25.52 -19.77 10.93
N ASN A 143 25.99 -20.86 10.33
CA ASN A 143 26.64 -21.92 11.10
C ASN A 143 27.88 -21.43 11.85
N ASN A 144 28.78 -20.73 11.17
CA ASN A 144 29.92 -20.15 11.88
C ASN A 144 29.48 -19.15 12.95
N ASP A 145 28.52 -18.29 12.62
CA ASP A 145 28.08 -17.25 13.58
C ASP A 145 27.53 -17.86 14.86
N ILE A 146 26.66 -18.86 14.71
CA ILE A 146 25.95 -19.45 15.84
C ILE A 146 26.89 -20.25 16.74
N GLN A 147 27.95 -20.81 16.17
CA GLN A 147 28.97 -21.45 17.00
C GLN A 147 29.68 -20.42 17.87
N LEU A 148 29.85 -19.20 17.36
CA LEU A 148 30.49 -18.14 18.12
C LEU A 148 29.59 -17.68 19.27
N LYS A 149 28.29 -17.55 18.99
CA LYS A 149 27.32 -17.10 19.99
C LYS A 149 27.22 -18.06 21.17
N THR A 150 27.41 -19.35 20.90
CA THR A 150 27.33 -20.35 21.96
C THR A 150 28.63 -20.35 22.76
N GLU A 151 29.74 -20.20 22.06
CA GLU A 151 31.05 -20.11 22.69
C GLU A 151 31.31 -18.69 23.22
N MET B 161 21.95 -13.67 21.17
CA MET B 161 21.97 -12.69 20.11
C MET B 161 21.06 -13.11 18.93
N LYS B 162 21.03 -12.29 17.90
CA LYS B 162 20.11 -12.46 16.79
C LYS B 162 20.83 -12.55 15.44
N ILE B 163 20.10 -12.88 14.39
CA ILE B 163 20.71 -13.08 13.07
C ILE B 163 20.19 -12.08 12.06
N ASN B 164 19.47 -11.09 12.55
CA ASN B 164 18.86 -10.06 11.73
C ASN B 164 19.81 -9.48 10.71
N LEU B 165 21.04 -9.20 11.16
CA LEU B 165 22.02 -8.54 10.31
C LEU B 165 22.44 -9.43 9.14
N ARG B 166 22.69 -10.71 9.42
CA ARG B 166 22.92 -11.67 8.35
C ARG B 166 21.80 -11.65 7.32
N LEU B 167 20.56 -11.68 7.82
CA LEU B 167 19.42 -11.75 6.90
C LEU B 167 19.28 -10.46 6.10
N GLU B 168 19.49 -9.32 6.76
CA GLU B 168 19.49 -8.05 6.03
C GLU B 168 20.56 -8.05 4.93
N GLN B 169 21.72 -8.63 5.24
CA GLN B 169 22.77 -8.77 4.24
C GLN B 169 22.29 -9.69 3.13
N PHE B 170 21.62 -10.78 3.51
CA PHE B 170 21.14 -11.73 2.49
C PHE B 170 20.06 -11.10 1.60
N LYS B 171 19.26 -10.19 2.15
CA LYS B 171 18.20 -9.57 1.35
C LYS B 171 18.74 -8.69 0.23
N LYS B 172 19.78 -7.91 0.52
CA LYS B 172 20.46 -7.12 -0.51
C LYS B 172 21.07 -8.04 -1.58
N GLU B 173 21.64 -9.14 -1.14
CA GLU B 173 22.20 -10.10 -2.09
C GLU B 173 21.13 -10.67 -3.01
N LEU B 174 19.97 -10.99 -2.42
CA LEU B 174 18.87 -11.57 -3.20
C LEU B 174 18.31 -10.57 -4.22
N VAL B 175 18.26 -9.31 -3.83
CA VAL B 175 17.86 -8.22 -4.72
C VAL B 175 18.84 -8.06 -5.89
N LEU B 176 20.14 -8.11 -5.60
CA LEU B 176 21.14 -8.05 -6.66
C LEU B 176 21.04 -9.28 -7.57
N TYR B 177 20.78 -10.44 -6.97
CA TYR B 177 20.59 -11.65 -7.77
C TYR B 177 19.42 -11.51 -8.74
N GLU B 178 18.29 -11.01 -8.24
CA GLU B 178 17.08 -10.91 -9.05
C GLU B 178 17.25 -9.92 -10.21
N GLN B 179 17.80 -8.74 -9.92
CA GLN B 179 18.11 -7.77 -10.97
C GLN B 179 19.00 -8.40 -12.03
N LYS B 180 20.05 -9.07 -11.60
CA LYS B 180 20.95 -9.74 -12.53
C LYS B 180 20.18 -10.71 -13.40
N LYS B 181 19.30 -11.49 -12.78
CA LYS B 181 18.53 -12.49 -13.50
C LYS B 181 17.55 -11.84 -14.47
N PHE B 182 16.94 -10.73 -14.05
CA PHE B 182 16.07 -9.96 -14.93
C PHE B 182 16.81 -9.53 -16.20
N LYS B 183 18.03 -9.03 -16.04
CA LYS B 183 18.88 -8.68 -17.18
C LYS B 183 19.12 -9.87 -18.10
N GLU B 184 19.55 -10.98 -17.51
CA GLU B 184 19.86 -12.20 -18.27
C GLU B 184 18.67 -12.67 -19.11
N TYR B 185 17.46 -12.56 -18.54
CA TYR B 185 16.26 -12.98 -19.26
C TYR B 185 15.89 -11.95 -20.32
N GLY B 186 16.11 -10.68 -20.01
CA GLY B 186 15.79 -9.61 -20.94
C GLY B 186 16.61 -9.69 -22.22
N MET B 187 17.92 -9.77 -22.07
CA MET B 187 18.82 -9.86 -23.21
C MET B 187 18.50 -11.06 -24.09
N LYS B 188 18.27 -12.20 -23.45
CA LYS B 188 18.01 -13.45 -24.17
C LYS B 188 16.69 -13.37 -24.92
N ILE B 189 15.73 -12.64 -24.35
CA ILE B 189 14.43 -12.48 -24.98
C ILE B 189 14.53 -11.56 -26.19
N ASP B 190 15.31 -10.49 -26.05
CA ASP B 190 15.50 -9.55 -27.14
C ASP B 190 16.33 -10.16 -28.26
N GLU B 191 17.38 -10.89 -27.88
CA GLU B 191 18.26 -11.54 -28.82
C GLU B 191 17.52 -12.52 -29.71
N ILE B 192 16.47 -13.13 -29.18
CA ILE B 192 15.71 -14.15 -29.91
C ILE B 192 14.54 -13.53 -30.67
N THR B 193 14.10 -12.35 -30.26
CA THR B 193 13.09 -11.62 -31.01
C THR B 193 13.73 -11.03 -32.27
N LYS B 194 14.94 -10.53 -32.14
CA LYS B 194 15.69 -10.01 -33.27
C LYS B 194 15.95 -11.12 -34.29
N GLU B 195 16.51 -12.22 -33.82
CA GLU B 195 16.77 -13.38 -34.68
C GLU B 195 15.46 -14.00 -35.17
N ASN B 196 14.35 -13.53 -34.62
CA ASN B 196 13.03 -13.99 -35.04
C ASN B 196 12.44 -13.08 -36.10
N LYS B 197 12.60 -11.77 -35.89
CA LYS B 197 12.11 -10.78 -36.84
C LYS B 197 12.78 -10.96 -38.20
N LYS B 198 14.07 -11.23 -38.18
CA LYS B 198 14.88 -11.31 -39.39
C LYS B 198 14.73 -12.67 -40.08
N LEU B 199 13.83 -13.50 -39.58
CA LEU B 199 13.47 -14.75 -40.25
C LEU B 199 12.19 -14.54 -41.04
N ALA B 200 11.34 -13.65 -40.56
CA ALA B 200 10.13 -13.28 -41.28
C ALA B 200 10.47 -12.43 -42.48
N ASN B 201 11.65 -11.80 -42.43
CA ASN B 201 12.12 -10.97 -43.54
C ASN B 201 12.56 -11.83 -44.72
N GLU B 202 13.36 -12.85 -44.45
CA GLU B 202 13.82 -13.76 -45.49
C GLU B 202 12.66 -14.56 -46.06
N ILE B 203 11.66 -14.83 -45.23
CA ILE B 203 10.45 -15.52 -45.68
C ILE B 203 9.58 -14.58 -46.48
N GLY B 204 9.51 -13.32 -46.05
CA GLY B 204 8.73 -12.32 -46.74
C GLY B 204 9.26 -12.02 -48.12
N ARG B 205 10.55 -12.26 -48.31
CA ARG B 205 11.18 -12.04 -49.61
C ARG B 205 11.00 -13.26 -50.52
N LEU B 206 11.36 -14.44 -50.02
CA LEU B 206 11.27 -15.67 -50.80
C LEU B 206 9.85 -16.00 -51.24
N ARG B 207 8.87 -15.29 -50.69
CA ARG B 207 7.49 -15.41 -51.14
C ARG B 207 7.15 -14.33 -52.16
N GLU B 208 7.70 -13.14 -51.96
CA GLU B 208 7.43 -12.02 -52.86
C GLU B 208 8.23 -12.16 -54.15
N ARG B 209 9.28 -12.99 -54.12
CA ARG B 209 10.05 -13.30 -55.31
C ARG B 209 9.17 -14.01 -56.33
N TRP B 210 8.53 -15.09 -55.89
CA TRP B 210 7.61 -15.85 -56.74
C TRP B 210 6.34 -15.05 -57.03
N ASP B 211 6.10 -14.03 -56.21
CA ASP B 211 4.94 -13.13 -56.33
C ASP B 211 3.65 -13.87 -56.69
N LEU C 123 11.30 -6.17 -7.34
CA LEU C 123 11.22 -5.53 -6.02
C LEU C 123 12.60 -5.05 -5.56
N SER C 124 12.70 -3.74 -5.30
CA SER C 124 13.98 -3.13 -4.95
C SER C 124 14.34 -3.24 -3.47
N PRO C 125 13.34 -3.14 -2.57
CA PRO C 125 13.60 -3.43 -1.16
C PRO C 125 13.00 -4.78 -0.76
N ILE C 126 12.57 -5.53 -1.76
CA ILE C 126 11.75 -6.73 -1.60
C ILE C 126 10.33 -6.36 -1.20
N ASN C 127 9.46 -6.35 -2.20
CA ASN C 127 8.08 -5.94 -1.99
C ASN C 127 7.13 -7.13 -1.98
N ASP C 128 7.66 -8.32 -2.24
CA ASP C 128 6.81 -9.50 -2.36
C ASP C 128 6.47 -10.08 -0.99
N PRO C 129 5.17 -10.08 -0.65
CA PRO C 129 4.69 -10.57 0.65
C PRO C 129 5.02 -12.04 0.91
N LEU C 130 5.00 -12.90 -0.10
CA LEU C 130 5.39 -14.31 0.13
C LEU C 130 6.87 -14.41 0.53
N LEU C 131 7.74 -13.76 -0.23
CA LEU C 131 9.17 -13.71 0.10
C LEU C 131 9.42 -13.19 1.52
N MET C 132 8.81 -12.07 1.86
CA MET C 132 9.05 -11.47 3.18
C MET C 132 8.52 -12.39 4.27
N SER C 133 7.42 -13.07 3.98
CA SER C 133 6.89 -14.04 4.93
C SER C 133 7.87 -15.19 5.18
N ILE C 134 8.45 -15.70 4.10
CA ILE C 134 9.47 -16.75 4.22
C ILE C 134 10.70 -16.26 5.00
N LEU C 135 11.18 -15.04 4.70
CA LEU C 135 12.33 -14.49 5.44
C LEU C 135 12.04 -14.23 6.91
N ASN C 136 10.89 -13.63 7.21
CA ASN C 136 10.51 -13.35 8.59
C ASN C 136 10.36 -14.60 9.42
N ARG C 137 9.79 -15.67 8.84
CA ARG C 137 9.61 -16.90 9.59
CA ARG C 137 9.62 -16.90 9.61
C ARG C 137 10.99 -17.50 9.93
N LEU C 138 11.91 -17.49 8.97
CA LEU C 138 13.25 -18.03 9.23
C LEU C 138 13.92 -17.21 10.35
N GLN C 139 13.84 -15.89 10.22
CA GLN C 139 14.40 -15.02 11.25
C GLN C 139 13.83 -15.32 12.62
N PHE C 140 12.50 -15.44 12.68
CA PHE C 140 11.81 -15.74 13.92
C PHE C 140 12.23 -17.10 14.48
N ASN C 141 12.22 -18.14 13.66
CA ASN C 141 12.64 -19.46 14.11
C ASN C 141 14.10 -19.51 14.58
N LEU C 142 15.00 -18.86 13.85
CA LEU C 142 16.42 -18.92 14.23
C LEU C 142 16.68 -18.15 15.51
N ASN C 143 16.08 -16.97 15.63
CA ASN C 143 16.28 -16.16 16.83
C ASN C 143 15.76 -16.86 18.07
N ASN C 144 14.75 -17.71 17.91
CA ASN C 144 14.26 -18.50 19.03
C ASN C 144 15.18 -19.68 19.39
N ASP C 145 15.65 -20.42 18.37
CA ASP C 145 16.57 -21.55 18.61
C ASP C 145 17.84 -21.09 19.31
N ILE C 146 18.34 -19.93 18.91
CA ILE C 146 19.56 -19.37 19.49
C ILE C 146 19.34 -19.01 20.96
N GLN C 147 18.18 -18.43 21.25
CA GLN C 147 17.84 -18.03 22.60
C GLN C 147 17.37 -19.23 23.42
N LEU C 148 17.40 -20.41 22.82
CA LEU C 148 17.15 -21.66 23.53
C LEU C 148 18.45 -22.44 23.70
N LYS C 149 19.51 -21.96 23.05
CA LYS C 149 20.81 -22.61 23.12
C LYS C 149 21.71 -21.94 24.15
N THR C 150 21.38 -20.69 24.47
CA THR C 150 22.14 -19.94 25.48
C THR C 150 21.55 -20.14 26.88
N GLU C 151 20.49 -20.93 26.95
CA GLU C 151 19.83 -21.22 28.22
C GLU C 151 19.94 -22.69 28.57
N ASN D 155 23.87 -30.19 24.33
CA ASN D 155 23.01 -30.21 23.15
C ASN D 155 23.41 -29.15 22.14
N SER D 156 24.67 -28.75 22.17
CA SER D 156 25.21 -27.80 21.20
C SER D 156 25.34 -28.47 19.83
N LYS D 157 25.34 -29.80 19.83
CA LYS D 157 25.43 -30.56 18.60
C LYS D 157 24.03 -30.92 18.09
N ASN D 158 23.10 -31.12 19.03
CA ASN D 158 21.71 -31.38 18.67
C ASN D 158 21.05 -30.10 18.17
N SER D 159 21.43 -28.98 18.78
CA SER D 159 20.95 -27.68 18.36
C SER D 159 21.43 -27.33 16.95
N GLU D 160 22.69 -27.65 16.65
CA GLU D 160 23.23 -27.33 15.34
C GLU D 160 22.52 -28.10 14.22
N MET D 161 22.17 -29.35 14.49
CA MET D 161 21.45 -30.14 13.49
C MET D 161 20.07 -29.55 13.20
N LYS D 162 19.35 -29.17 14.25
CA LYS D 162 18.03 -28.58 14.07
C LYS D 162 18.15 -27.32 13.20
N ILE D 163 19.10 -26.48 13.55
CA ILE D 163 19.30 -25.22 12.82
C ILE D 163 19.55 -25.49 11.35
N ASN D 164 20.32 -26.53 11.06
CA ASN D 164 20.70 -26.85 9.69
C ASN D 164 19.58 -27.48 8.86
N LEU D 165 18.81 -28.36 9.48
CA LEU D 165 17.60 -28.84 8.84
C LEU D 165 16.73 -27.65 8.46
N ARG D 166 16.61 -26.70 9.37
CA ARG D 166 15.76 -25.54 9.11
C ARG D 166 16.33 -24.72 7.94
N LEU D 167 17.65 -24.56 7.89
CA LEU D 167 18.27 -23.80 6.80
C LEU D 167 18.16 -24.55 5.47
N GLU D 168 18.29 -25.87 5.55
CA GLU D 168 18.12 -26.69 4.36
C GLU D 168 16.70 -26.54 3.80
N GLN D 169 15.69 -26.49 4.67
CA GLN D 169 14.33 -26.20 4.22
C GLN D 169 14.29 -24.88 3.48
N PHE D 170 14.76 -23.85 4.16
CA PHE D 170 14.72 -22.50 3.63
C PHE D 170 15.40 -22.42 2.25
N LYS D 171 16.53 -23.10 2.10
CA LYS D 171 17.22 -23.06 0.80
C LYS D 171 16.39 -23.63 -0.33
N LYS D 172 15.75 -24.78 -0.10
CA LYS D 172 14.91 -25.41 -1.14
C LYS D 172 13.71 -24.54 -1.42
N GLU D 173 13.16 -23.98 -0.35
CA GLU D 173 12.03 -23.08 -0.46
C GLU D 173 12.34 -21.79 -1.25
N LEU D 174 13.53 -21.23 -1.06
CA LEU D 174 13.86 -19.98 -1.76
C LEU D 174 14.14 -20.28 -3.22
N VAL D 175 14.68 -21.47 -3.49
CA VAL D 175 14.84 -21.88 -4.88
C VAL D 175 13.50 -22.01 -5.58
N LEU D 176 12.53 -22.68 -4.94
CA LEU D 176 11.18 -22.77 -5.51
C LEU D 176 10.62 -21.38 -5.75
N TYR D 177 10.79 -20.49 -4.78
CA TYR D 177 10.28 -19.13 -4.94
C TYR D 177 10.87 -18.42 -6.18
N GLU D 178 12.19 -18.49 -6.34
CA GLU D 178 12.83 -17.80 -7.45
C GLU D 178 12.44 -18.48 -8.77
N GLN D 179 12.42 -19.81 -8.75
CA GLN D 179 12.02 -20.58 -9.92
C GLN D 179 10.64 -20.16 -10.42
N LYS D 180 9.69 -20.00 -9.50
CA LYS D 180 8.34 -19.59 -9.89
C LYS D 180 8.28 -18.12 -10.31
N LYS D 181 9.09 -17.28 -9.68
CA LYS D 181 9.13 -15.85 -10.00
C LYS D 181 9.51 -15.58 -11.46
N PHE D 182 10.45 -16.36 -11.99
CA PHE D 182 10.95 -16.13 -13.34
C PHE D 182 10.43 -17.15 -14.34
N LYS D 183 9.38 -17.88 -13.98
CA LYS D 183 8.87 -18.98 -14.80
C LYS D 183 8.25 -18.50 -16.11
N GLU D 184 7.59 -17.34 -16.08
CA GLU D 184 6.95 -16.80 -17.28
C GLU D 184 7.97 -16.33 -18.31
N TYR D 185 9.13 -15.89 -17.84
CA TYR D 185 10.21 -15.50 -18.73
C TYR D 185 10.82 -16.74 -19.38
N GLY D 186 10.91 -17.82 -18.62
CA GLY D 186 11.45 -19.06 -19.12
C GLY D 186 10.54 -19.67 -20.17
N MET D 187 9.24 -19.42 -20.04
CA MET D 187 8.26 -19.92 -21.00
C MET D 187 8.25 -19.07 -22.26
N LYS D 188 8.36 -17.75 -22.08
CA LYS D 188 8.44 -16.83 -23.21
C LYS D 188 9.58 -17.24 -24.14
N ILE D 189 10.74 -17.51 -23.56
CA ILE D 189 11.89 -17.98 -24.31
C ILE D 189 11.60 -19.27 -25.06
N ASP D 190 10.84 -20.17 -24.44
CA ASP D 190 10.57 -21.47 -25.03
C ASP D 190 9.63 -21.37 -26.22
N GLU D 191 8.59 -20.56 -26.10
CA GLU D 191 7.60 -20.45 -27.17
C GLU D 191 8.17 -19.70 -28.37
N ILE D 192 8.95 -18.66 -28.10
CA ILE D 192 9.57 -17.88 -29.17
C ILE D 192 10.69 -18.67 -29.84
N THR D 193 11.43 -19.44 -29.05
CA THR D 193 12.46 -20.31 -29.58
C THR D 193 11.82 -21.39 -30.43
N LYS D 194 10.54 -21.65 -30.19
CA LYS D 194 9.80 -22.61 -31.01
C LYS D 194 9.41 -21.97 -32.33
N GLU D 195 9.11 -20.67 -32.29
CA GLU D 195 8.77 -19.93 -33.50
C GLU D 195 9.96 -19.86 -34.44
N ASN D 196 11.16 -19.71 -33.87
CA ASN D 196 12.38 -19.66 -34.68
C ASN D 196 12.66 -21.00 -35.34
N LYS D 197 12.27 -22.08 -34.67
CA LYS D 197 12.39 -23.43 -35.24
C LYS D 197 11.45 -23.57 -36.42
N LYS D 198 10.22 -23.10 -36.26
CA LYS D 198 9.21 -23.18 -37.30
C LYS D 198 9.61 -22.38 -38.53
N LEU D 199 10.08 -21.16 -38.30
CA LEU D 199 10.55 -20.31 -39.40
C LEU D 199 11.78 -20.91 -40.07
N ALA D 200 12.63 -21.55 -39.28
CA ALA D 200 13.84 -22.19 -39.80
C ALA D 200 13.48 -23.48 -40.55
N ASN D 201 12.31 -24.03 -40.26
CA ASN D 201 11.83 -25.21 -40.96
C ASN D 201 10.97 -24.85 -42.16
N GLU D 202 10.93 -23.56 -42.48
CA GLU D 202 10.23 -23.09 -43.67
C GLU D 202 11.21 -22.43 -44.63
N ILE D 203 12.13 -21.64 -44.09
CA ILE D 203 13.15 -20.99 -44.90
C ILE D 203 14.09 -22.01 -45.54
N GLY D 204 14.61 -22.93 -44.72
CA GLY D 204 15.52 -23.95 -45.21
C GLY D 204 14.88 -24.89 -46.20
N ARG D 205 13.55 -24.90 -46.24
CA ARG D 205 12.81 -25.76 -47.15
C ARG D 205 12.56 -25.08 -48.49
N LEU D 206 12.45 -23.75 -48.47
CA LEU D 206 12.19 -22.99 -49.69
C LEU D 206 13.45 -22.83 -50.53
N ARG D 207 14.54 -22.43 -49.90
CA ARG D 207 15.82 -22.25 -50.59
C ARG D 207 16.26 -23.56 -51.24
N GLU D 208 16.18 -24.64 -50.47
CA GLU D 208 16.51 -25.98 -50.97
C GLU D 208 15.64 -26.32 -52.18
N ARG D 209 14.34 -26.02 -52.05
CA ARG D 209 13.39 -26.16 -53.14
C ARG D 209 13.73 -25.19 -54.27
N TRP D 210 14.03 -23.95 -53.89
CA TRP D 210 14.41 -22.90 -54.82
C TRP D 210 15.64 -23.30 -55.64
N ASP D 211 16.64 -23.85 -54.94
CA ASP D 211 17.89 -24.27 -55.59
C ASP D 211 17.64 -25.34 -56.65
N GLN E 120 -0.98 13.68 -1.20
CA GLN E 120 -1.69 13.66 -2.47
C GLN E 120 -2.28 12.27 -2.75
N ASP E 121 -1.53 11.43 -3.44
CA ASP E 121 -1.96 10.05 -3.71
C ASP E 121 -2.15 9.30 -2.40
N THR E 122 -3.37 8.86 -2.17
CA THR E 122 -3.70 8.07 -0.99
C THR E 122 -4.35 6.78 -1.43
N LEU E 123 -4.37 6.58 -2.75
CA LEU E 123 -5.06 5.45 -3.35
C LEU E 123 -4.30 4.15 -3.11
N SER E 124 -2.99 4.15 -3.40
CA SER E 124 -2.15 2.99 -3.11
C SER E 124 -2.10 2.66 -1.62
N PRO E 125 -2.38 1.39 -1.26
CA PRO E 125 -2.34 0.94 0.13
C PRO E 125 -1.10 1.40 0.89
N ILE E 126 0.03 1.47 0.21
CA ILE E 126 1.26 1.84 0.87
C ILE E 126 1.21 3.30 1.36
N ASN E 127 0.35 4.13 0.75
CA ASN E 127 0.17 5.52 1.17
C ASN E 127 -1.15 5.78 1.89
N ASP E 128 -1.83 4.71 2.32
CA ASP E 128 -3.20 4.82 2.79
C ASP E 128 -3.28 4.90 4.32
N PRO E 129 -3.65 6.08 4.85
CA PRO E 129 -3.72 6.25 6.31
C PRO E 129 -4.81 5.39 6.92
N LEU E 130 -5.84 5.06 6.15
CA LEU E 130 -6.88 4.16 6.64
C LEU E 130 -6.28 2.79 6.98
N LEU E 131 -5.36 2.31 6.14
CA LEU E 131 -4.76 0.99 6.39
C LEU E 131 -3.83 1.05 7.60
N MET E 132 -3.02 2.11 7.70
CA MET E 132 -2.14 2.29 8.86
C MET E 132 -2.95 2.32 10.16
N SER E 133 -4.07 3.03 10.13
CA SER E 133 -4.91 3.18 11.33
C SER E 133 -5.52 1.84 11.74
N ILE E 134 -6.07 1.11 10.79
CA ILE E 134 -6.56 -0.25 11.08
C ILE E 134 -5.46 -1.10 11.71
N LEU E 135 -4.28 -1.08 11.12
CA LEU E 135 -3.16 -1.86 11.65
C LEU E 135 -2.71 -1.38 13.02
N ASN E 136 -2.58 -0.06 13.18
CA ASN E 136 -2.24 0.50 14.47
C ASN E 136 -3.27 0.19 15.53
N ARG E 137 -4.54 0.27 15.16
CA ARG E 137 -5.64 -0.04 16.09
C ARG E 137 -5.59 -1.51 16.54
N LEU E 138 -5.21 -2.41 15.64
CA LEU E 138 -5.05 -3.82 16.01
C LEU E 138 -3.99 -4.00 17.12
N GLN E 139 -2.83 -3.40 16.93
CA GLN E 139 -1.76 -3.45 17.94
C GLN E 139 -2.22 -2.87 19.29
N PHE E 140 -2.87 -1.71 19.22
CA PHE E 140 -3.42 -1.05 20.40
C PHE E 140 -4.37 -1.99 21.13
N ASN E 141 -5.27 -2.65 20.41
CA ASN E 141 -6.19 -3.58 21.04
C ASN E 141 -5.50 -4.78 21.66
N LEU E 142 -4.57 -5.37 20.91
CA LEU E 142 -3.82 -6.53 21.39
C LEU E 142 -3.03 -6.18 22.64
N ASN E 143 -2.37 -5.03 22.64
CA ASN E 143 -1.60 -4.66 23.82
C ASN E 143 -2.50 -4.49 25.04
N ASN E 144 -3.58 -3.74 24.89
CA ASN E 144 -4.51 -3.55 26.00
C ASN E 144 -5.18 -4.85 26.46
N ASP E 145 -5.56 -5.70 25.50
CA ASP E 145 -6.12 -7.00 25.85
C ASP E 145 -5.16 -7.81 26.71
N ILE E 146 -3.92 -7.92 26.24
CA ILE E 146 -2.91 -8.72 26.92
C ILE E 146 -2.64 -8.21 28.33
N GLN E 147 -2.55 -6.89 28.50
CA GLN E 147 -2.37 -6.29 29.82
C GLN E 147 -3.53 -6.60 30.78
N LEU E 148 -4.74 -6.77 30.24
CA LEU E 148 -5.89 -7.23 31.04
C LEU E 148 -5.78 -8.72 31.37
N LYS E 149 -5.44 -9.52 30.37
CA LYS E 149 -5.36 -10.98 30.53
C LYS E 149 -4.36 -11.41 31.60
N THR E 150 -3.45 -10.51 31.98
CA THR E 150 -2.36 -10.90 32.88
C THR E 150 -2.40 -10.15 34.20
N GLU E 151 -2.93 -8.93 34.20
CA GLU E 151 -3.06 -8.16 35.43
C GLU E 151 -4.47 -8.28 36.00
N GLY E 152 -5.46 -8.27 35.11
CA GLY E 152 -6.85 -8.40 35.51
C GLY E 152 -7.30 -9.85 35.52
N MET F 161 -7.00 -16.14 27.39
CA MET F 161 -5.57 -16.33 27.23
C MET F 161 -5.16 -16.35 25.75
N LYS F 162 -6.14 -16.25 24.85
CA LYS F 162 -5.87 -16.21 23.42
C LYS F 162 -6.33 -14.90 22.78
N ILE F 163 -5.83 -14.62 21.58
CA ILE F 163 -6.20 -13.38 20.89
C ILE F 163 -7.02 -13.65 19.61
N ASN F 164 -7.42 -14.91 19.43
CA ASN F 164 -8.19 -15.32 18.26
C ASN F 164 -9.39 -14.45 17.95
N LEU F 165 -10.16 -14.12 18.98
CA LEU F 165 -11.34 -13.26 18.83
C LEU F 165 -10.95 -11.93 18.21
N ARG F 166 -9.89 -11.33 18.74
CA ARG F 166 -9.42 -10.04 18.23
C ARG F 166 -8.93 -10.17 16.77
N LEU F 167 -8.33 -11.29 16.40
CA LEU F 167 -7.89 -11.47 15.01
C LEU F 167 -9.06 -11.73 14.07
N GLU F 168 -10.09 -12.41 14.56
CA GLU F 168 -11.33 -12.61 13.81
C GLU F 168 -11.97 -11.27 13.48
N GLN F 169 -12.02 -10.40 14.48
CA GLN F 169 -12.50 -9.03 14.31
C GLN F 169 -11.65 -8.28 13.28
N PHE F 170 -10.34 -8.46 13.35
CA PHE F 170 -9.44 -7.83 12.37
C PHE F 170 -9.66 -8.33 10.94
N LYS F 171 -9.91 -9.63 10.79
CA LYS F 171 -10.20 -10.20 9.47
C LYS F 171 -11.43 -9.56 8.82
N LYS F 172 -12.49 -9.34 9.60
CA LYS F 172 -13.68 -8.67 9.07
C LYS F 172 -13.38 -7.25 8.62
N GLU F 173 -12.58 -6.54 9.41
CA GLU F 173 -12.18 -5.18 9.03
C GLU F 173 -11.37 -5.17 7.75
N LEU F 174 -10.43 -6.10 7.62
CA LEU F 174 -9.60 -6.15 6.42
C LEU F 174 -10.47 -6.40 5.18
N VAL F 175 -11.47 -7.26 5.31
CA VAL F 175 -12.43 -7.49 4.21
C VAL F 175 -13.17 -6.22 3.81
N LEU F 176 -13.69 -5.49 4.79
CA LEU F 176 -14.33 -4.21 4.51
C LEU F 176 -13.36 -3.24 3.86
N TYR F 177 -12.14 -3.18 4.37
CA TYR F 177 -11.10 -2.33 3.79
C TYR F 177 -10.92 -2.63 2.29
N GLU F 178 -10.72 -3.90 1.96
CA GLU F 178 -10.48 -4.29 0.57
C GLU F 178 -11.68 -3.98 -0.33
N GLN F 179 -12.88 -4.24 0.17
CA GLN F 179 -14.08 -3.91 -0.57
C GLN F 179 -14.15 -2.43 -0.87
N LYS F 180 -13.89 -1.62 0.15
CA LYS F 180 -13.88 -0.18 -0.06
C LYS F 180 -12.81 0.20 -1.08
N LYS F 181 -11.65 -0.43 -0.98
CA LYS F 181 -10.55 -0.16 -1.91
C LYS F 181 -10.88 -0.48 -3.36
N PHE F 182 -11.47 -1.66 -3.61
CA PHE F 182 -11.90 -2.03 -4.96
C PHE F 182 -12.82 -0.96 -5.52
N LYS F 183 -13.75 -0.50 -4.69
CA LYS F 183 -14.64 0.59 -5.04
C LYS F 183 -13.90 1.86 -5.44
N GLU F 184 -13.00 2.34 -4.58
CA GLU F 184 -12.21 3.54 -4.89
C GLU F 184 -11.49 3.38 -6.23
N TYR F 185 -10.82 2.24 -6.42
CA TYR F 185 -10.07 2.00 -7.66
C TYR F 185 -11.00 1.97 -8.86
N GLY F 186 -12.14 1.31 -8.71
CA GLY F 186 -13.11 1.21 -9.78
C GLY F 186 -13.58 2.58 -10.24
N MET F 187 -13.97 3.42 -9.28
CA MET F 187 -14.43 4.75 -9.60
C MET F 187 -13.37 5.55 -10.34
N LYS F 188 -12.17 5.60 -9.79
CA LYS F 188 -11.07 6.37 -10.37
C LYS F 188 -10.78 5.92 -11.81
N ILE F 189 -10.81 4.61 -12.03
CA ILE F 189 -10.57 4.06 -13.36
C ILE F 189 -11.67 4.48 -14.33
N ASP F 190 -12.93 4.37 -13.89
CA ASP F 190 -14.06 4.76 -14.74
C ASP F 190 -14.01 6.23 -15.13
N GLU F 191 -13.78 7.08 -14.14
CA GLU F 191 -13.84 8.52 -14.37
C GLU F 191 -12.69 9.00 -15.25
N ILE F 192 -11.62 8.20 -15.31
CA ILE F 192 -10.46 8.58 -16.11
C ILE F 192 -10.55 8.00 -17.51
N THR F 193 -11.26 6.88 -17.64
CA THR F 193 -11.53 6.33 -18.96
C THR F 193 -12.54 7.22 -19.68
N LYS F 194 -13.44 7.85 -18.93
CA LYS F 194 -14.41 8.77 -19.51
C LYS F 194 -13.73 10.05 -19.97
N GLU F 195 -12.92 10.65 -19.10
CA GLU F 195 -12.16 11.84 -19.45
C GLU F 195 -11.26 11.56 -20.64
N ASN F 196 -10.96 10.28 -20.84
CA ASN F 196 -10.15 9.85 -21.97
C ASN F 196 -10.92 9.91 -23.28
N LYS F 197 -12.15 9.39 -23.26
CA LYS F 197 -13.00 9.38 -24.44
C LYS F 197 -13.38 10.79 -24.87
N LYS F 198 -13.57 11.67 -23.88
CA LYS F 198 -13.88 13.06 -24.16
C LYS F 198 -12.77 13.73 -24.95
N LEU F 199 -11.53 13.55 -24.50
CA LEU F 199 -10.38 14.12 -25.20
C LEU F 199 -10.23 13.50 -26.58
N ALA F 200 -10.56 12.22 -26.69
CA ALA F 200 -10.47 11.52 -27.96
C ALA F 200 -11.48 12.08 -28.95
N ASN F 201 -12.64 12.48 -28.45
CA ASN F 201 -13.68 13.05 -29.30
C ASN F 201 -13.36 14.48 -29.73
N GLU F 202 -12.78 15.25 -28.83
CA GLU F 202 -12.38 16.63 -29.14
C GLU F 202 -11.27 16.64 -30.17
N ILE F 203 -10.55 15.53 -30.29
CA ILE F 203 -9.52 15.40 -31.32
C ILE F 203 -10.16 15.20 -32.69
N GLY F 204 -11.05 14.22 -32.79
CA GLY F 204 -11.73 13.92 -34.03
C GLY F 204 -12.54 15.08 -34.55
N ARG F 205 -13.00 15.93 -33.64
CA ARG F 205 -13.76 17.12 -34.02
C ARG F 205 -12.85 18.18 -34.62
N LEU F 206 -11.82 18.57 -33.86
CA LEU F 206 -10.87 19.57 -34.33
C LEU F 206 -10.07 19.06 -35.53
N ARG F 207 -9.98 17.73 -35.65
CA ARG F 207 -9.24 17.14 -36.76
C ARG F 207 -10.12 17.07 -38.02
N GLU F 208 -11.42 16.96 -37.83
CA GLU F 208 -12.36 16.92 -38.94
C GLU F 208 -12.55 18.31 -39.54
N ARG F 209 -12.58 19.33 -38.69
CA ARG F 209 -12.69 20.71 -39.15
C ARG F 209 -11.46 21.09 -39.97
N TRP F 210 -10.29 20.68 -39.50
CA TRP F 210 -9.03 20.98 -40.16
C TRP F 210 -8.92 20.31 -41.52
N ASP F 211 -9.54 19.13 -41.66
CA ASP F 211 -9.45 18.37 -42.89
C ASP F 211 -10.42 18.87 -43.96
N SER F 212 -11.66 19.09 -43.58
CA SER F 212 -12.70 19.49 -44.53
C SER F 212 -12.37 20.80 -45.23
N LEU F 213 -11.90 21.78 -44.46
CA LEU F 213 -11.59 23.09 -45.01
C LEU F 213 -10.18 23.15 -45.57
N SER G 124 5.62 10.05 13.12
CA SER G 124 5.42 11.33 13.80
C SER G 124 6.24 12.45 13.17
N PRO G 125 5.88 12.84 11.93
CA PRO G 125 6.54 13.96 11.25
C PRO G 125 5.84 15.28 11.55
N ILE G 126 5.56 15.56 12.81
CA ILE G 126 4.91 16.82 13.19
C ILE G 126 5.76 18.01 12.77
N ASN G 127 5.30 18.74 11.76
CA ASN G 127 6.04 19.91 11.25
C ASN G 127 5.52 21.27 11.75
N ASP G 128 4.39 21.29 12.46
CA ASP G 128 3.83 22.57 12.89
C ASP G 128 4.45 23.04 14.20
N PRO G 129 5.15 24.17 14.18
CA PRO G 129 5.81 24.71 15.38
C PRO G 129 4.85 24.96 16.54
N LEU G 130 3.63 25.40 16.28
CA LEU G 130 2.67 25.63 17.37
C LEU G 130 2.26 24.31 18.02
N LEU G 131 2.00 23.29 17.21
CA LEU G 131 1.62 21.99 17.75
C LEU G 131 2.73 21.41 18.61
N MET G 132 3.96 21.50 18.09
CA MET G 132 5.13 20.99 18.82
C MET G 132 5.34 21.77 20.12
N SER G 133 5.17 23.08 20.07
CA SER G 133 5.26 23.90 21.28
C SER G 133 4.23 23.43 22.33
N ILE G 134 3.00 23.21 21.89
CA ILE G 134 1.95 22.70 22.78
C ILE G 134 2.31 21.33 23.37
N LEU G 135 2.74 20.41 22.53
CA LEU G 135 3.12 19.09 23.01
C LEU G 135 4.30 19.16 23.97
N ASN G 136 5.31 19.95 23.62
CA ASN G 136 6.49 20.09 24.47
C ASN G 136 6.16 20.66 25.85
N ARG G 137 5.25 21.62 25.92
CA ARG G 137 4.99 22.25 27.20
C ARG G 137 4.29 21.25 28.12
N LEU G 138 3.36 20.46 27.56
CA LEU G 138 2.69 19.43 28.34
C LEU G 138 3.71 18.45 28.89
N GLN G 139 4.58 17.97 28.02
CA GLN G 139 5.61 17.04 28.46
C GLN G 139 6.44 17.66 29.57
N PHE G 140 6.85 18.91 29.38
CA PHE G 140 7.63 19.60 30.41
C PHE G 140 6.85 19.74 31.72
N ASN G 141 5.61 20.25 31.65
CA ASN G 141 4.82 20.37 32.88
C ASN G 141 4.61 19.02 33.59
N LEU G 142 4.31 17.95 32.83
CA LEU G 142 4.06 16.64 33.43
C LEU G 142 5.32 16.10 34.13
N ASN G 143 6.46 16.31 33.50
CA ASN G 143 7.72 15.85 34.04
C ASN G 143 8.24 16.72 35.21
N ASN G 144 8.08 18.03 35.10
CA ASN G 144 8.66 18.95 36.09
C ASN G 144 7.65 19.58 37.02
N ASP G 145 6.87 20.52 36.51
CA ASP G 145 5.94 21.31 37.33
C ASP G 145 4.83 20.48 37.96
N ILE G 146 4.89 19.17 37.72
CA ILE G 146 4.04 18.19 38.40
C ILE G 146 4.88 16.94 38.58
N GLN G 147 4.40 16.02 39.41
CA GLN G 147 5.08 14.73 39.63
C GLN G 147 4.35 13.90 40.67
N LYS H 157 -3.22 11.62 45.01
CA LYS H 157 -3.39 12.54 46.13
C LYS H 157 -3.85 13.91 45.67
N ASN H 158 -3.10 14.95 46.04
CA ASN H 158 -3.43 16.32 45.65
C ASN H 158 -2.80 16.68 44.31
N SER H 159 -1.65 16.08 44.01
CA SER H 159 -0.95 16.35 42.76
C SER H 159 -1.72 15.76 41.58
N GLU H 160 -2.44 14.68 41.83
CA GLU H 160 -3.21 14.02 40.78
C GLU H 160 -4.35 14.90 40.29
N MET H 161 -4.87 15.74 41.17
CA MET H 161 -5.91 16.69 40.77
C MET H 161 -5.35 17.68 39.76
N LYS H 162 -4.08 18.04 39.94
CA LYS H 162 -3.41 18.99 39.06
C LYS H 162 -3.24 18.40 37.67
N ILE H 163 -2.63 17.21 37.62
CA ILE H 163 -2.42 16.49 36.38
C ILE H 163 -3.65 16.46 35.50
N ASN H 164 -4.81 16.19 36.09
CA ASN H 164 -6.02 16.12 35.27
C ASN H 164 -6.47 17.50 34.78
N LEU H 165 -6.37 18.51 35.64
CA LEU H 165 -6.69 19.87 35.23
C LEU H 165 -5.78 20.26 34.08
N ARG H 166 -4.50 19.93 34.20
CA ARG H 166 -3.57 20.19 33.11
C ARG H 166 -3.98 19.48 31.83
N LEU H 167 -4.46 18.24 31.98
CA LEU H 167 -4.81 17.44 30.82
C LEU H 167 -6.09 17.94 30.19
N GLU H 168 -7.03 18.39 31.03
CA GLU H 168 -8.27 18.99 30.50
C GLU H 168 -7.98 20.20 29.62
N GLN H 169 -7.03 21.03 30.04
CA GLN H 169 -6.60 22.17 29.22
C GLN H 169 -6.02 21.74 27.89
N PHE H 170 -5.12 20.77 27.94
CA PHE H 170 -4.51 20.22 26.74
C PHE H 170 -5.57 19.76 25.74
N LYS H 171 -6.55 19.01 26.23
CA LYS H 171 -7.56 18.45 25.35
C LYS H 171 -8.34 19.53 24.61
N LYS H 172 -8.76 20.57 25.30
CA LYS H 172 -9.46 21.68 24.65
C LYS H 172 -8.56 22.43 23.65
N GLU H 173 -7.31 22.65 24.03
CA GLU H 173 -6.33 23.27 23.15
C GLU H 173 -6.12 22.48 21.85
N LEU H 174 -5.94 21.17 21.99
CA LEU H 174 -5.76 20.28 20.83
C LEU H 174 -6.95 20.32 19.89
N VAL H 175 -8.14 20.27 20.46
CA VAL H 175 -9.34 20.34 19.64
C VAL H 175 -9.39 21.68 18.91
N LEU H 176 -9.12 22.76 19.61
CA LEU H 176 -9.06 24.07 18.97
C LEU H 176 -8.03 24.05 17.85
N TYR H 177 -6.86 23.52 18.16
CA TYR H 177 -5.82 23.45 17.16
C TYR H 177 -6.31 22.72 15.90
N GLU H 178 -6.89 21.53 16.09
CA GLU H 178 -7.32 20.75 14.93
C GLU H 178 -8.48 21.42 14.21
N GLN H 179 -9.35 22.08 14.95
CA GLN H 179 -10.44 22.82 14.30
C GLN H 179 -9.92 23.90 13.34
N LYS H 180 -8.85 24.59 13.74
CA LYS H 180 -8.30 25.66 12.91
C LYS H 180 -7.57 25.08 11.71
N LYS H 181 -6.80 24.02 11.96
CA LYS H 181 -6.09 23.31 10.90
C LYS H 181 -7.02 22.96 9.73
N PHE H 182 -8.23 22.50 10.04
CA PHE H 182 -9.13 22.01 9.01
C PHE H 182 -10.28 22.95 8.69
N LYS H 183 -10.18 24.20 9.16
CA LYS H 183 -11.24 25.20 8.97
C LYS H 183 -11.55 25.46 7.50
N GLU H 184 -10.51 25.68 6.70
CA GLU H 184 -10.67 25.93 5.27
C GLU H 184 -11.50 24.84 4.58
N TYR H 185 -11.10 23.58 4.73
CA TYR H 185 -11.78 22.48 4.07
C TYR H 185 -13.25 22.45 4.46
N GLY H 186 -13.52 22.75 5.72
CA GLY H 186 -14.89 22.79 6.20
C GLY H 186 -15.70 23.84 5.46
N MET H 187 -15.03 24.92 5.06
CA MET H 187 -15.71 26.03 4.39
C MET H 187 -15.88 25.77 2.90
N LYS H 188 -14.82 25.31 2.26
CA LYS H 188 -14.88 24.93 0.85
C LYS H 188 -16.03 23.95 0.61
N ILE H 189 -16.22 23.04 1.57
CA ILE H 189 -17.30 22.08 1.47
C ILE H 189 -18.64 22.76 1.65
N ASP H 190 -18.70 23.70 2.60
CA ASP H 190 -19.94 24.40 2.88
C ASP H 190 -20.40 25.24 1.70
N GLU H 191 -19.47 25.87 1.00
CA GLU H 191 -19.82 26.73 -0.12
C GLU H 191 -20.19 25.92 -1.35
N ILE H 192 -19.45 24.85 -1.61
CA ILE H 192 -19.72 23.99 -2.75
C ILE H 192 -20.99 23.17 -2.53
N THR H 193 -21.22 22.78 -1.29
CA THR H 193 -22.37 21.94 -0.96
C THR H 193 -23.66 22.77 -1.01
N LYS H 194 -23.50 24.09 -1.10
CA LYS H 194 -24.65 24.99 -1.15
C LYS H 194 -24.87 25.50 -2.57
N GLU H 195 -23.80 25.61 -3.34
CA GLU H 195 -23.92 25.97 -4.74
C GLU H 195 -24.57 24.83 -5.51
N ASN H 196 -24.32 23.61 -5.08
CA ASN H 196 -24.93 22.44 -5.68
C ASN H 196 -26.39 22.32 -5.26
N LYS H 197 -26.75 23.01 -4.18
CA LYS H 197 -28.14 23.09 -3.77
C LYS H 197 -28.84 24.13 -4.63
N LYS H 198 -28.07 25.08 -5.15
CA LYS H 198 -28.57 26.11 -6.03
C LYS H 198 -28.83 25.55 -7.42
N LEU H 199 -27.94 24.68 -7.87
CA LEU H 199 -28.07 24.04 -9.18
C LEU H 199 -29.21 23.04 -9.20
N ALA H 200 -29.29 22.23 -8.14
CA ALA H 200 -30.32 21.20 -8.04
C ALA H 200 -31.72 21.79 -8.09
N ASN H 201 -31.84 23.06 -7.72
CA ASN H 201 -33.11 23.76 -7.78
C ASN H 201 -33.41 24.23 -9.20
N GLU H 202 -32.39 24.70 -9.90
CA GLU H 202 -32.55 25.19 -11.26
C GLU H 202 -32.83 24.05 -12.24
N ILE H 203 -32.34 22.86 -11.91
CA ILE H 203 -32.65 21.67 -12.70
C ILE H 203 -34.05 21.17 -12.39
N GLY H 204 -34.52 21.45 -11.17
CA GLY H 204 -35.84 21.04 -10.76
C GLY H 204 -36.94 21.80 -11.45
N ARG H 205 -36.69 23.08 -11.75
CA ARG H 205 -37.69 23.94 -12.39
C ARG H 205 -37.66 23.78 -13.90
N LEU H 206 -36.48 23.62 -14.46
CA LEU H 206 -36.34 23.46 -15.91
C LEU H 206 -36.89 22.10 -16.35
N ARG H 207 -36.71 21.09 -15.52
CA ARG H 207 -37.32 19.79 -15.76
C ARG H 207 -38.81 19.86 -15.42
N GLU H 208 -39.21 20.97 -14.82
CA GLU H 208 -40.60 21.21 -14.47
C GLU H 208 -41.32 21.93 -15.60
N ARG H 209 -40.67 22.95 -16.15
CA ARG H 209 -41.22 23.69 -17.28
C ARG H 209 -41.21 22.85 -18.55
N TRP H 210 -40.21 21.98 -18.69
CA TRP H 210 -40.14 21.06 -19.82
C TRP H 210 -41.30 20.08 -19.77
N ASP H 211 -41.71 19.71 -18.56
CA ASP H 211 -42.85 18.81 -18.37
C ASP H 211 -44.16 19.56 -18.48
N SER H 212 -44.08 20.88 -18.60
CA SER H 212 -45.26 21.73 -18.75
C SER H 212 -45.64 21.87 -20.23
N LEU H 213 -44.72 21.49 -21.11
CA LEU H 213 -44.96 21.56 -22.55
C LEU H 213 -45.40 20.21 -23.10
N VAL H 214 -44.81 19.14 -22.59
CA VAL H 214 -45.17 17.79 -23.02
C VAL H 214 -46.57 17.44 -22.54
N GLU H 215 -47.04 18.15 -21.53
CA GLU H 215 -48.40 17.96 -21.03
C GLU H 215 -49.40 18.84 -21.79
N SER H 216 -48.93 20.00 -22.23
CA SER H 216 -49.77 20.92 -22.98
C SER H 216 -49.93 20.49 -24.43
N LEU I 123 -14.76 -11.63 -3.87
CA LEU I 123 -14.33 -12.21 -2.59
C LEU I 123 -12.96 -12.86 -2.71
N SER I 124 -12.01 -12.32 -1.95
CA SER I 124 -10.61 -12.74 -2.05
C SER I 124 -9.82 -12.69 -0.73
N PRO I 125 -10.26 -11.89 0.26
CA PRO I 125 -9.38 -11.73 1.44
C PRO I 125 -9.34 -12.97 2.33
N ILE I 126 -10.48 -13.31 2.93
CA ILE I 126 -10.56 -14.52 3.75
C ILE I 126 -10.53 -15.76 2.87
N ASN I 127 -10.53 -15.56 1.55
CA ASN I 127 -10.33 -16.66 0.62
C ASN I 127 -8.86 -16.85 0.26
N ASP I 128 -8.02 -15.89 0.63
CA ASP I 128 -6.64 -15.93 0.17
C ASP I 128 -5.78 -16.76 1.11
N PRO I 129 -5.24 -17.89 0.60
CA PRO I 129 -4.40 -18.74 1.44
C PRO I 129 -3.14 -18.03 1.95
N LEU I 130 -2.55 -17.16 1.14
CA LEU I 130 -1.37 -16.42 1.63
C LEU I 130 -1.72 -15.56 2.86
N LEU I 131 -2.80 -14.78 2.76
CA LEU I 131 -3.22 -13.91 3.87
C LEU I 131 -3.51 -14.73 5.11
N MET I 132 -4.21 -15.84 4.92
CA MET I 132 -4.61 -16.69 6.03
C MET I 132 -3.40 -17.36 6.70
N SER I 133 -2.41 -17.77 5.90
CA SER I 133 -1.14 -18.23 6.46
C SER I 133 -0.47 -17.15 7.36
N ILE I 134 -0.40 -15.93 6.85
CA ILE I 134 0.16 -14.80 7.60
C ILE I 134 -0.62 -14.58 8.91
N LEU I 135 -1.93 -14.53 8.83
CA LEU I 135 -2.76 -14.36 10.03
C LEU I 135 -2.61 -15.51 11.02
N ASN I 136 -2.64 -16.74 10.52
CA ASN I 136 -2.53 -17.91 11.39
C ASN I 136 -1.19 -17.94 12.12
N ARG I 137 -0.11 -17.58 11.44
CA ARG I 137 1.19 -17.67 12.11
C ARG I 137 1.26 -16.58 13.18
N LEU I 138 0.76 -15.40 12.85
CA LEU I 138 0.66 -14.33 13.86
C LEU I 138 -0.08 -14.84 15.08
N GLN I 139 -1.25 -15.43 14.85
CA GLN I 139 -2.06 -15.95 15.94
C GLN I 139 -1.35 -16.98 16.79
N PHE I 140 -0.74 -17.95 16.13
CA PHE I 140 0.04 -18.98 16.81
C PHE I 140 1.20 -18.38 17.62
N ASN I 141 2.02 -17.54 16.99
CA ASN I 141 3.14 -16.88 17.69
C ASN I 141 2.70 -16.05 18.91
N LEU I 142 1.62 -15.28 18.77
CA LEU I 142 1.19 -14.42 19.88
C LEU I 142 0.62 -15.24 21.03
N ASN I 143 -0.16 -16.27 20.71
CA ASN I 143 -0.71 -17.13 21.74
C ASN I 143 0.40 -17.80 22.55
N ASN I 144 1.43 -18.25 21.87
CA ASN I 144 2.57 -18.87 22.55
C ASN I 144 3.32 -17.88 23.43
N ASP I 145 3.47 -16.64 22.96
CA ASP I 145 4.11 -15.60 23.77
C ASP I 145 3.31 -15.35 25.04
N ILE I 146 1.99 -15.28 24.90
CA ILE I 146 1.09 -15.01 26.02
C ILE I 146 1.23 -16.08 27.11
N GLN I 147 1.27 -17.35 26.69
CA GLN I 147 1.46 -18.46 27.62
C GLN I 147 2.79 -18.37 28.36
N LEU I 148 3.83 -17.92 27.67
CA LEU I 148 5.14 -17.72 28.28
C LEU I 148 5.08 -16.75 29.44
N LYS I 149 4.31 -15.67 29.27
CA LYS I 149 4.19 -14.62 30.28
C LYS I 149 3.64 -15.15 31.60
N THR I 150 2.51 -15.86 31.53
CA THR I 150 1.85 -16.36 32.72
C THR I 150 2.72 -17.32 33.50
N GLU I 151 3.40 -18.21 32.78
CA GLU I 151 4.20 -19.25 33.39
C GLU I 151 5.61 -18.76 33.77
N GLY I 152 5.83 -17.46 33.59
CA GLY I 152 7.10 -16.86 33.93
C GLY I 152 6.99 -15.96 35.15
N LYS J 157 6.92 -9.35 31.67
CA LYS J 157 6.81 -8.00 31.15
C LYS J 157 7.88 -7.72 30.10
N ASN J 158 8.92 -8.57 30.07
CA ASN J 158 9.95 -8.47 29.04
C ASN J 158 9.47 -9.14 27.75
N SER J 159 8.26 -9.69 27.80
CA SER J 159 7.63 -10.26 26.61
C SER J 159 6.98 -9.16 25.78
N GLU J 160 6.60 -8.08 26.46
CA GLU J 160 6.00 -6.92 25.81
C GLU J 160 6.86 -6.44 24.65
N MET J 161 8.17 -6.58 24.81
CA MET J 161 9.13 -6.21 23.78
C MET J 161 8.99 -7.13 22.55
N LYS J 162 8.96 -8.44 22.79
CA LYS J 162 8.89 -9.40 21.70
C LYS J 162 7.56 -9.30 20.97
N ILE J 163 6.47 -9.19 21.73
CA ILE J 163 5.14 -9.11 21.15
C ILE J 163 5.02 -7.92 20.20
N ASN J 164 5.65 -6.80 20.55
CA ASN J 164 5.54 -5.62 19.72
C ASN J 164 6.49 -5.63 18.52
N LEU J 165 7.57 -6.40 18.62
CA LEU J 165 8.44 -6.66 17.46
C LEU J 165 7.69 -7.53 16.46
N ARG J 166 7.01 -8.54 16.96
CA ARG J 166 6.19 -9.39 16.11
C ARG J 166 5.09 -8.59 15.41
N LEU J 167 4.38 -7.74 16.17
CA LEU J 167 3.30 -6.97 15.58
C LEU J 167 3.82 -6.00 14.54
N GLU J 168 5.00 -5.42 14.78
CA GLU J 168 5.62 -4.49 13.83
C GLU J 168 5.92 -5.19 12.51
N GLN J 169 6.51 -6.38 12.57
CA GLN J 169 6.75 -7.17 11.37
C GLN J 169 5.44 -7.41 10.62
N PHE J 170 4.42 -7.86 11.34
CA PHE J 170 3.10 -8.11 10.77
C PHE J 170 2.52 -6.90 10.04
N LYS J 171 2.64 -5.73 10.65
CA LYS J 171 2.10 -4.52 10.02
C LYS J 171 2.80 -4.24 8.69
N LYS J 172 4.12 -4.29 8.67
CA LYS J 172 4.84 -4.12 7.39
C LYS J 172 4.40 -5.18 6.37
N GLU J 173 4.34 -6.43 6.82
CA GLU J 173 3.89 -7.51 5.95
C GLU J 173 2.47 -7.29 5.42
N LEU J 174 1.56 -6.82 6.27
CA LEU J 174 0.20 -6.60 5.78
C LEU J 174 0.14 -5.48 4.75
N VAL J 175 0.93 -4.42 4.91
CA VAL J 175 0.99 -3.38 3.89
C VAL J 175 1.54 -3.94 2.56
N LEU J 176 2.58 -4.78 2.62
CA LEU J 176 3.10 -5.37 1.40
C LEU J 176 2.01 -6.18 0.71
N TYR J 177 1.28 -6.95 1.51
CA TYR J 177 0.22 -7.79 0.96
C TYR J 177 -0.83 -6.97 0.20
N GLU J 178 -1.35 -5.92 0.82
CA GLU J 178 -2.39 -5.10 0.19
C GLU J 178 -1.83 -4.36 -1.01
N GLN J 179 -0.60 -3.87 -0.87
CA GLN J 179 0.06 -3.23 -2.00
C GLN J 179 0.08 -4.14 -3.22
N LYS J 180 0.40 -5.41 -3.02
CA LYS J 180 0.52 -6.35 -4.14
C LYS J 180 -0.85 -6.73 -4.71
N LYS J 181 -1.83 -6.91 -3.84
CA LYS J 181 -3.18 -7.27 -4.26
C LYS J 181 -3.77 -6.24 -5.24
N PHE J 182 -3.48 -4.96 -5.01
CA PHE J 182 -4.05 -3.89 -5.82
C PHE J 182 -3.04 -3.33 -6.83
N LYS J 183 -1.91 -4.01 -6.98
CA LYS J 183 -0.85 -3.56 -7.88
C LYS J 183 -1.34 -3.36 -9.32
N GLU J 184 -2.14 -4.30 -9.82
CA GLU J 184 -2.62 -4.24 -11.19
C GLU J 184 -3.54 -3.04 -11.41
N TYR J 185 -4.44 -2.79 -10.46
CA TYR J 185 -5.31 -1.62 -10.53
C TYR J 185 -4.50 -0.34 -10.57
N GLY J 186 -3.45 -0.27 -9.76
CA GLY J 186 -2.60 0.90 -9.72
C GLY J 186 -1.87 1.13 -11.03
N MET J 187 -1.58 0.04 -11.74
CA MET J 187 -0.91 0.12 -13.02
C MET J 187 -1.85 0.58 -14.13
N LYS J 188 -3.07 0.03 -14.14
CA LYS J 188 -4.10 0.45 -15.07
C LYS J 188 -4.32 1.96 -14.95
N ILE J 189 -4.34 2.44 -13.73
CA ILE J 189 -4.53 3.86 -13.46
C ILE J 189 -3.38 4.69 -14.03
N ASP J 190 -2.18 4.14 -13.93
CA ASP J 190 -0.99 4.80 -14.49
C ASP J 190 -1.05 4.81 -16.00
N GLU J 191 -1.39 3.67 -16.58
CA GLU J 191 -1.46 3.51 -18.03
C GLU J 191 -2.46 4.48 -18.66
N ILE J 192 -3.53 4.76 -17.94
CA ILE J 192 -4.60 5.62 -18.47
C ILE J 192 -4.36 7.08 -18.14
N THR J 193 -3.81 7.35 -16.96
CA THR J 193 -3.49 8.72 -16.58
C THR J 193 -2.34 9.25 -17.43
N LYS J 194 -1.61 8.34 -18.06
CA LYS J 194 -0.52 8.73 -18.94
C LYS J 194 -1.06 9.14 -20.31
N GLU J 195 -1.98 8.33 -20.84
CA GLU J 195 -2.60 8.61 -22.13
C GLU J 195 -3.49 9.85 -22.06
N ASN J 196 -4.00 10.14 -20.87
CA ASN J 196 -4.88 11.29 -20.67
C ASN J 196 -4.09 12.58 -20.45
N LYS J 197 -2.79 12.45 -20.21
CA LYS J 197 -1.91 13.60 -20.16
C LYS J 197 -1.31 13.82 -21.55
N LYS J 198 -1.36 12.77 -22.36
CA LYS J 198 -0.88 12.81 -23.73
C LYS J 198 -1.86 13.51 -24.66
N LEU J 199 -3.12 13.09 -24.59
CA LEU J 199 -4.17 13.69 -25.40
C LEU J 199 -4.37 15.16 -25.05
N ALA J 200 -4.24 15.48 -23.76
CA ALA J 200 -4.37 16.86 -23.30
C ALA J 200 -3.25 17.73 -23.87
N ASN J 201 -2.28 17.09 -24.51
CA ASN J 201 -1.18 17.81 -25.16
C ASN J 201 -1.39 17.91 -26.66
N GLU J 202 -2.22 17.03 -27.21
CA GLU J 202 -2.59 17.10 -28.62
C GLU J 202 -3.76 18.06 -28.79
N ILE J 203 -4.57 18.19 -27.74
CA ILE J 203 -5.65 19.18 -27.73
C ILE J 203 -5.06 20.58 -27.56
N GLY J 204 -4.01 20.68 -26.77
CA GLY J 204 -3.34 21.95 -26.55
C GLY J 204 -2.60 22.43 -27.79
N ARG J 205 -2.12 21.48 -28.60
CA ARG J 205 -1.37 21.81 -29.81
C ARG J 205 -2.30 22.16 -30.97
N LEU J 206 -3.36 21.38 -31.13
CA LEU J 206 -4.28 21.59 -32.25
C LEU J 206 -5.19 22.80 -32.00
N ARG J 207 -5.23 23.28 -30.76
CA ARG J 207 -6.01 24.46 -30.43
C ARG J 207 -5.22 25.75 -30.68
N GLU J 208 -3.90 25.62 -30.77
CA GLU J 208 -3.05 26.78 -31.04
C GLU J 208 -2.67 26.85 -32.52
N ARG J 209 -2.90 25.77 -33.24
CA ARG J 209 -2.74 25.78 -34.70
C ARG J 209 -4.05 26.22 -35.34
N TRP J 210 -5.07 26.38 -34.50
CA TRP J 210 -6.36 26.89 -34.93
C TRP J 210 -6.41 28.40 -34.69
N ASP J 211 -5.62 28.85 -33.71
CA ASP J 211 -5.49 30.28 -33.43
C ASP J 211 -4.40 30.89 -34.31
N SER J 212 -3.66 30.03 -34.99
CA SER J 212 -2.61 30.47 -35.91
C SER J 212 -3.24 30.94 -37.22
N LEU J 213 -4.44 30.44 -37.51
CA LEU J 213 -5.18 30.88 -38.69
C LEU J 213 -6.07 32.07 -38.35
N VAL J 214 -6.25 32.31 -37.05
CA VAL J 214 -6.99 33.48 -36.58
C VAL J 214 -6.07 34.70 -36.58
N GLU J 215 -4.77 34.45 -36.51
CA GLU J 215 -3.77 35.51 -36.60
C GLU J 215 -3.64 35.99 -38.04
N SER J 216 -3.85 35.09 -38.98
CA SER J 216 -3.77 35.43 -40.40
C SER J 216 -5.14 35.81 -40.95
N ALA J 217 -6.09 36.06 -40.04
CA ALA J 217 -7.43 36.45 -40.43
C ALA J 217 -7.71 37.91 -40.05
N ASP K 121 -21.16 17.46 8.49
CA ASP K 121 -20.24 18.45 9.02
C ASP K 121 -19.59 17.95 10.31
N THR K 122 -19.70 16.65 10.55
CA THR K 122 -19.01 16.00 11.66
C THR K 122 -17.56 15.77 11.25
N LEU K 123 -17.27 16.09 9.99
CA LEU K 123 -15.91 16.10 9.48
C LEU K 123 -15.05 16.98 10.37
N SER K 124 -15.66 18.06 10.86
CA SER K 124 -15.02 19.01 11.76
C SER K 124 -14.57 18.37 13.07
N PRO K 125 -13.29 18.51 13.41
CA PRO K 125 -12.65 17.97 14.61
C PRO K 125 -13.37 18.29 15.91
N ILE K 126 -14.03 19.44 15.99
CA ILE K 126 -14.71 19.83 17.22
C ILE K 126 -15.85 18.88 17.55
N ASN K 127 -16.40 18.23 16.52
CA ASN K 127 -17.47 17.26 16.73
C ASN K 127 -17.04 15.82 16.46
N ASP K 128 -15.74 15.57 16.43
CA ASP K 128 -15.22 14.27 16.02
C ASP K 128 -14.91 13.37 17.22
N PRO K 129 -15.75 12.36 17.44
CA PRO K 129 -15.57 11.46 18.60
C PRO K 129 -14.20 10.79 18.57
N LEU K 130 -13.64 10.59 17.38
CA LEU K 130 -12.36 9.89 17.26
C LEU K 130 -11.21 10.74 17.82
N LEU K 131 -11.30 12.06 17.69
CA LEU K 131 -10.29 12.95 18.28
C LEU K 131 -10.37 12.93 19.79
N MET K 132 -11.57 13.18 20.33
CA MET K 132 -11.78 13.12 21.77
C MET K 132 -11.31 11.81 22.36
N SER K 133 -11.54 10.72 21.63
CA SER K 133 -11.20 9.41 22.13
C SER K 133 -9.70 9.27 22.38
N ILE K 134 -8.88 9.69 21.44
CA ILE K 134 -7.44 9.52 21.67
C ILE K 134 -6.92 10.53 22.71
N LEU K 135 -7.59 11.67 22.86
CA LEU K 135 -7.21 12.64 23.91
C LEU K 135 -7.54 12.05 25.29
N ASN K 136 -8.76 11.52 25.44
CA ASN K 136 -9.14 10.84 26.68
C ASN K 136 -8.27 9.63 27.02
N ARG K 137 -7.83 8.93 25.98
CA ARG K 137 -6.98 7.76 26.12
C ARG K 137 -5.61 8.16 26.69
N LEU K 138 -5.07 9.24 26.18
CA LEU K 138 -3.87 9.80 26.77
C LEU K 138 -4.10 10.03 28.25
N GLN K 139 -5.19 10.73 28.58
CA GLN K 139 -5.51 10.97 29.97
C GLN K 139 -5.75 9.69 30.77
N PHE K 140 -6.65 8.81 30.30
CA PHE K 140 -6.93 7.55 31.01
C PHE K 140 -5.64 6.75 31.18
N ASN K 141 -4.78 6.78 30.16
CA ASN K 141 -3.49 6.09 30.21
C ASN K 141 -2.63 6.58 31.35
N LEU K 142 -2.51 7.89 31.47
CA LEU K 142 -1.59 8.47 32.43
C LEU K 142 -2.05 8.21 33.86
N ASN K 143 -3.36 8.22 34.07
CA ASN K 143 -3.92 7.96 35.39
C ASN K 143 -3.88 6.48 35.78
N ASN K 144 -4.09 5.58 34.81
CA ASN K 144 -3.95 4.16 35.10
C ASN K 144 -2.50 3.79 35.38
N ASP K 145 -1.56 4.47 34.73
CA ASP K 145 -0.13 4.24 34.95
C ASP K 145 0.28 4.57 36.38
N ILE K 146 -0.48 5.45 37.02
CA ILE K 146 -0.20 5.83 38.40
C ILE K 146 -0.87 4.87 39.39
N GLN K 147 -2.08 4.43 39.04
CA GLN K 147 -2.82 3.49 39.86
C GLN K 147 -2.00 2.21 40.05
N LEU K 148 -1.34 1.81 38.97
CA LEU K 148 -0.44 0.66 38.98
C LEU K 148 0.85 1.00 39.72
N LYS K 149 0.99 2.27 40.10
CA LYS K 149 2.18 2.77 40.77
C LYS K 149 3.38 2.75 39.82
N LYS L 157 12.57 9.07 37.46
CA LYS L 157 13.30 8.78 36.22
C LYS L 157 12.57 7.72 35.40
N ASN L 158 12.02 6.72 36.08
CA ASN L 158 11.24 5.68 35.42
C ASN L 158 9.91 6.24 34.93
N SER L 159 9.27 7.03 35.78
CA SER L 159 7.97 7.61 35.45
C SER L 159 8.07 8.63 34.32
N GLU L 160 9.26 9.19 34.12
CA GLU L 160 9.47 10.12 33.02
C GLU L 160 9.30 9.40 31.68
N MET L 161 9.92 8.23 31.56
CA MET L 161 9.84 7.45 30.33
C MET L 161 8.42 7.01 30.02
N LYS L 162 7.70 6.55 31.05
CA LYS L 162 6.29 6.21 30.87
C LYS L 162 5.49 7.40 30.36
N ILE L 163 5.74 8.58 30.93
CA ILE L 163 5.07 9.80 30.48
C ILE L 163 5.39 10.08 29.02
N ASN L 164 6.67 10.08 28.69
CA ASN L 164 7.10 10.29 27.32
C ASN L 164 6.46 9.29 26.37
N LEU L 165 6.41 8.02 26.78
CA LEU L 165 5.84 6.96 25.96
C LEU L 165 4.40 7.27 25.61
N ARG L 166 3.64 7.73 26.60
CA ARG L 166 2.23 8.00 26.36
C ARG L 166 2.09 9.18 25.39
N LEU L 167 3.01 10.13 25.48
CA LEU L 167 3.00 11.29 24.59
C LEU L 167 3.34 10.88 23.16
N GLU L 168 4.41 10.10 23.01
CA GLU L 168 4.77 9.50 21.71
C GLU L 168 3.61 8.70 21.08
N GLN L 169 2.97 7.85 21.88
CA GLN L 169 1.84 7.10 21.34
C GLN L 169 0.79 8.07 20.88
N PHE L 170 0.59 9.13 21.65
CA PHE L 170 -0.45 10.07 21.28
C PHE L 170 -0.09 10.83 20.01
N LYS L 171 1.18 11.24 19.88
CA LYS L 171 1.62 11.94 18.68
C LYS L 171 1.34 11.12 17.42
N LYS L 172 1.75 9.86 17.46
CA LYS L 172 1.57 8.93 16.34
C LYS L 172 0.09 8.83 16.01
N GLU L 173 -0.73 8.63 17.02
CA GLU L 173 -2.17 8.60 16.82
C GLU L 173 -2.68 9.91 16.23
N LEU L 174 -2.06 11.03 16.60
CA LEU L 174 -2.53 12.35 16.18
C LEU L 174 -2.24 12.54 14.70
N VAL L 175 -1.00 12.26 14.31
CA VAL L 175 -0.62 12.31 12.90
C VAL L 175 -1.55 11.45 12.03
N LEU L 176 -1.93 10.28 12.53
CA LEU L 176 -2.84 9.37 11.81
C LEU L 176 -4.22 9.97 11.66
N TYR L 177 -4.75 10.49 12.76
CA TYR L 177 -6.05 11.12 12.75
C TYR L 177 -6.05 12.20 11.67
N GLU L 178 -4.97 12.98 11.61
CA GLU L 178 -4.85 14.12 10.69
C GLU L 178 -4.80 13.65 9.24
N GLN L 179 -3.92 12.70 8.97
CA GLN L 179 -3.81 12.15 7.61
C GLN L 179 -5.12 11.54 7.13
N LYS L 180 -5.83 10.85 8.03
CA LYS L 180 -7.13 10.30 7.67
C LYS L 180 -8.13 11.40 7.36
N LYS L 181 -8.04 12.48 8.12
CA LYS L 181 -8.99 13.58 8.03
C LYS L 181 -8.82 14.33 6.71
N PHE L 182 -7.56 14.65 6.39
CA PHE L 182 -7.22 15.18 5.08
C PHE L 182 -7.82 14.33 3.95
N LYS L 183 -7.75 13.02 4.11
CA LYS L 183 -8.27 12.13 3.07
C LYS L 183 -9.79 12.17 3.02
N GLU L 184 -10.44 12.24 4.18
CA GLU L 184 -11.90 12.30 4.20
C GLU L 184 -12.40 13.62 3.58
N TYR L 185 -11.69 14.71 3.83
CA TYR L 185 -12.01 16.00 3.20
C TYR L 185 -11.69 16.00 1.72
N GLY L 186 -10.59 15.37 1.35
CA GLY L 186 -10.21 15.29 -0.05
C GLY L 186 -11.28 14.61 -0.88
N MET L 187 -11.81 13.51 -0.35
CA MET L 187 -12.76 12.70 -1.09
C MET L 187 -14.12 13.37 -1.17
N LYS L 188 -14.55 13.95 -0.06
CA LYS L 188 -15.85 14.62 -0.02
C LYS L 188 -15.86 15.80 -0.99
N ILE L 189 -14.77 16.55 -1.02
CA ILE L 189 -14.67 17.70 -1.90
C ILE L 189 -14.66 17.27 -3.37
N ASP L 190 -13.90 16.22 -3.69
CA ASP L 190 -13.89 15.67 -5.04
C ASP L 190 -15.28 15.22 -5.46
N GLU L 191 -15.92 14.44 -4.61
CA GLU L 191 -17.26 13.94 -4.87
C GLU L 191 -18.23 15.07 -5.22
N ILE L 192 -18.38 16.02 -4.31
CA ILE L 192 -19.31 17.12 -4.50
C ILE L 192 -18.94 18.02 -5.67
N THR L 193 -17.64 18.19 -5.92
CA THR L 193 -17.21 19.04 -7.04
C THR L 193 -17.49 18.37 -8.38
N LYS L 194 -17.63 17.05 -8.39
CA LYS L 194 -18.00 16.34 -9.61
C LYS L 194 -19.50 16.48 -9.86
N GLU L 195 -20.29 16.30 -8.81
CA GLU L 195 -21.73 16.52 -8.88
C GLU L 195 -22.00 17.95 -9.27
N ASN L 196 -21.12 18.86 -8.86
CA ASN L 196 -21.22 20.26 -9.24
C ASN L 196 -21.12 20.42 -10.75
N LYS L 197 -20.35 19.53 -11.38
CA LYS L 197 -20.18 19.56 -12.83
C LYS L 197 -21.43 19.04 -13.53
N LYS L 198 -21.85 17.84 -13.18
CA LYS L 198 -23.01 17.20 -13.79
C LYS L 198 -24.25 18.09 -13.73
N LEU L 199 -24.42 18.79 -12.62
CA LEU L 199 -25.52 19.74 -12.47
C LEU L 199 -25.36 20.90 -13.45
N ALA L 200 -24.14 21.43 -13.54
CA ALA L 200 -23.86 22.54 -14.44
C ALA L 200 -23.94 22.11 -15.90
N ASN L 201 -23.70 20.82 -16.14
CA ASN L 201 -23.81 20.28 -17.49
C ASN L 201 -25.26 20.02 -17.87
N GLU L 202 -26.00 19.34 -17.00
CA GLU L 202 -27.40 19.04 -17.26
C GLU L 202 -28.24 20.31 -17.36
N ILE L 203 -27.77 21.39 -16.75
CA ILE L 203 -28.43 22.68 -16.87
C ILE L 203 -28.15 23.29 -18.24
N GLY L 204 -26.96 23.03 -18.76
CA GLY L 204 -26.58 23.52 -20.07
C GLY L 204 -27.38 22.87 -21.18
N ARG L 205 -27.77 21.62 -20.96
CA ARG L 205 -28.56 20.88 -21.95
C ARG L 205 -29.97 21.42 -22.04
N LEU L 206 -30.61 21.58 -20.88
CA LEU L 206 -31.99 22.02 -20.82
C LEU L 206 -32.13 23.51 -21.15
N ARG L 207 -31.02 24.24 -21.09
CA ARG L 207 -31.02 25.64 -21.46
C ARG L 207 -30.71 25.80 -22.95
N GLU L 208 -30.56 24.66 -23.62
CA GLU L 208 -30.36 24.66 -25.07
C GLU L 208 -31.55 24.05 -25.78
N ARG L 209 -32.09 22.97 -25.22
CA ARG L 209 -33.29 22.34 -25.77
C ARG L 209 -34.48 23.28 -25.65
N TRP L 210 -34.37 24.25 -24.76
CA TRP L 210 -35.41 25.24 -24.55
C TRP L 210 -35.16 26.47 -25.40
N ASP L 211 -33.89 26.84 -25.57
CA ASP L 211 -33.52 27.99 -26.37
C ASP L 211 -33.53 27.67 -27.86
N SER L 212 -33.37 26.38 -28.20
CA SER L 212 -33.36 25.96 -29.59
C SER L 212 -34.75 26.09 -30.20
N LEU L 213 -35.75 25.58 -29.50
CA LEU L 213 -37.13 25.63 -29.99
C LEU L 213 -37.70 27.04 -29.82
N VAL L 214 -36.97 27.90 -29.12
CA VAL L 214 -37.37 29.28 -28.91
C VAL L 214 -36.38 30.24 -29.53
NA NA M . 25.30 -14.30 4.01
N NO3 N . 27.90 -15.45 -3.45
O1 NO3 N . 27.79 -15.98 -4.60
O2 NO3 N . 28.09 -16.20 -2.44
O3 NO3 N . 27.82 -14.20 -3.31
C1 EDO O . 25.09 -25.97 -9.62
O1 EDO O . 26.37 -26.58 -9.44
C2 EDO O . 24.00 -26.92 -9.15
O2 EDO O . 22.78 -26.20 -8.91
C1 EDO P . 24.22 -25.38 -0.83
O1 EDO P . 23.51 -24.18 -1.19
C2 EDO P . 23.46 -26.60 -1.33
O2 EDO P . 24.25 -27.78 -1.20
NA NA Q . 21.47 -1.91 9.42
NA NA R . 13.59 -10.03 20.60
N NO3 S . 22.97 -10.10 13.90
O1 NO3 S . 23.22 -11.05 13.09
O2 NO3 S . 23.72 -9.88 14.90
O3 NO3 S . 21.96 -9.36 13.73
N NO3 T . 31.85 -11.68 8.02
O1 NO3 T . 31.88 -10.58 8.62
O2 NO3 T . 32.88 -12.42 7.93
O3 NO3 T . 30.76 -12.06 7.49
CL CL U . 25.81 -7.01 -0.90
CL CL V . 20.92 -4.63 -2.92
N NO3 W . 12.31 -12.07 14.53
O1 NO3 W . 12.34 -12.63 15.66
O2 NO3 W . 11.42 -12.39 13.67
O3 NO3 W . 13.17 -11.20 14.23
N NO3 X . 11.26 -7.75 8.79
O1 NO3 X . 10.35 -6.96 9.19
O2 NO3 X . 11.53 -7.81 7.56
O3 NO3 X . 11.89 -8.48 9.61
C1 EDO Y . 6.66 -1.11 -1.45
O1 EDO Y . 7.19 -1.41 -0.16
C2 EDO Y . 5.80 -2.27 -1.93
O2 EDO Y . 5.29 -1.99 -3.25
C1 EDO Z . 17.59 -11.60 23.70
O1 EDO Z . 18.77 -12.14 24.30
C2 EDO Z . 16.38 -12.34 24.23
O2 EDO Z . 15.19 -11.80 23.64
NA NA AA . 24.02 -28.56 2.17
N NO3 BA . 10.41 -22.36 4.31
O1 NO3 BA . 9.76 -21.27 4.35
O2 NO3 BA . 9.85 -23.38 3.84
O3 NO3 BA . 11.61 -22.44 4.75
N NO3 CA . -9.66 2.34 11.47
O1 NO3 CA . -10.71 1.64 11.43
O2 NO3 CA . -8.84 2.18 12.40
O3 NO3 CA . -9.43 3.21 10.57
N NO3 DA . -8.95 3.91 25.45
O1 NO3 DA . -9.41 4.12 24.29
O2 NO3 DA . -8.36 2.82 25.72
O3 NO3 DA . -9.07 4.78 26.35
N NO3 EA . -1.76 1.07 25.02
O1 NO3 EA . -1.13 0.83 23.94
O2 NO3 EA . -1.53 0.34 26.04
O3 NO3 EA . -2.62 2.01 25.08
N NO3 FA . -4.67 -3.04 33.86
O1 NO3 FA . -4.98 -4.02 34.59
O2 NO3 FA . -4.75 -3.13 32.60
O3 NO3 FA . -4.27 -1.96 34.40
N NO3 GA . -9.67 -13.01 23.02
O1 NO3 GA . -9.18 -12.20 22.16
O2 NO3 GA . -10.06 -12.56 24.14
O3 NO3 GA . -9.78 -14.24 22.75
NA NA HA . 6.69 25.95 34.36
NA NA IA . 10.38 16.98 21.72
NA NA JA . 2.13 27.71 13.39
N NO3 KA . 10.48 17.61 29.39
O1 NO3 KA . 11.21 18.64 29.52
O2 NO3 KA . 10.74 16.55 30.03
O3 NO3 KA . 9.49 17.64 28.61
N NO3 LA . 14.08 16.51 21.14
O1 NO3 LA . 14.82 15.78 20.42
O2 NO3 LA . 14.22 16.52 22.40
O3 NO3 LA . 13.18 17.24 20.60
N NO3 MA . -2.33 24.46 26.46
O1 NO3 MA . -1.17 24.97 26.35
O2 NO3 MA . -2.50 23.26 26.85
O3 NO3 MA . -3.32 25.17 26.17
N NH4 NA . 3.22 28.55 22.21
HN1 NH4 NA . 2.99 28.89 21.32
HN2 NH4 NA . 2.87 27.64 22.30
HN3 NH4 NA . 4.19 28.54 22.32
HN4 NH4 NA . 2.81 29.12 22.90
C1 EDO OA . 1.64 20.19 9.88
O1 EDO OA . 2.35 20.50 8.67
C2 EDO OA . 2.40 19.10 10.64
O2 EDO OA . 2.00 19.09 12.01
S SO4 PA . 5.61 26.46 31.20
O1 SO4 PA . 5.41 26.59 29.77
O2 SO4 PA . 6.60 25.38 31.36
O3 SO4 PA . 6.13 27.72 31.72
O4 SO4 PA . 4.36 26.14 31.85
C1 EDO QA . -13.25 20.15 23.95
O1 EDO QA . -13.72 21.28 24.69
C2 EDO QA . -12.33 19.30 24.84
O2 EDO QA . -13.06 18.86 26.00
NA NA RA . -2.44 -16.96 -2.88
CL CL SA . 0.70 -16.31 -3.40
CL CL TA . -17.45 -18.22 -5.40
I IOD UA . -3.24 -20.55 17.40
NA NA VA . 7.65 -7.74 7.63
NA NA WA . 8.86 0.74 15.70
NA NA XA . 13.10 -6.48 13.33
NA NA YA . 5.80 -2.55 4.16
N NO3 ZA . 5.31 -12.02 8.47
O1 NO3 ZA . 4.89 -11.28 9.42
O2 NO3 ZA . 5.17 -13.28 8.50
O3 NO3 ZA . 5.87 -11.51 7.45
CL CL AB . 1.36 -13.43 -8.87
CL CL BB . 5.42 0.05 6.41
NA NA CB . -14.88 13.47 26.84
NA NA DB . -12.84 12.77 31.31
N NO3 EB . -4.93 3.42 17.49
O1 NO3 EB . -5.09 3.72 16.27
O2 NO3 EB . -3.79 3.45 18.03
O3 NO3 EB . -5.93 3.07 18.17
N NO3 FB . -16.94 14.64 22.07
O1 NO3 FB . -17.17 13.71 21.24
O2 NO3 FB . -17.06 14.47 23.31
O3 NO3 FB . -16.58 15.78 21.63
C1 EDO GB . -2.96 8.81 23.96
O1 EDO GB . -3.86 8.49 22.90
C2 EDO GB . -2.08 7.62 24.30
O2 EDO GB . -1.36 7.92 25.49
N NO3 HB . 3.81 7.68 36.39
O1 NO3 HB . 4.21 6.65 35.76
O2 NO3 HB . 4.03 7.79 37.63
O3 NO3 HB . 3.18 8.60 35.78
N NH4 IB . -15.29 8.27 2.24
HN1 NH4 IB . -14.94 8.52 1.36
HN2 NH4 IB . -15.68 7.37 2.20
HN3 NH4 IB . -14.57 8.30 2.90
HN4 NH4 IB . -15.99 8.92 2.50
C1 EDO JB . 4.65 4.97 19.20
O1 EDO JB . 4.92 4.34 20.46
C2 EDO JB . 5.95 5.44 18.56
O2 EDO JB . 5.67 6.04 17.29
C1 EDO KB . -8.03 8.43 15.41
O1 EDO KB . -6.63 8.04 15.38
C2 EDO KB . -8.80 7.77 14.26
O2 EDO KB . -8.86 6.35 14.43
#